data_5NCG
#
_entry.id   5NCG
#
_cell.length_a   35.024
_cell.length_b   61.266
_cell.length_c   89.258
_cell.angle_alpha   90.00
_cell.angle_beta   90.00
_cell.angle_gamma   90.00
#
_symmetry.space_group_name_H-M   'P 21 21 21'
#
loop_
_entity.id
_entity.type
_entity.pdbx_description
1 polymer 'Protein enabled homolog'
2 non-polymer "(3~{S},7~{R},10~{R},11~{R},13~{S})-4-[(3~{S},6~{R},8~{a}~{S})-1'-[(2~{S})-2-acetamido-3-(2-chlorophenyl)propanoyl]-5-oxidanylidene-spiro[1,2,3,8~{a}-tetrahydroindolizine-6,2'-pyrrolidine]-3-yl]carbonyl-11-methyl-2-oxidanylidene-1,4-diazatricyclo[8.3.0.0^{3,7}]tridec-8-ene-13-carboxylic acid"
3 non-polymer 'NITRATE ION'
4 water water
#
_entity_poly.entity_id   1
_entity_poly.type   'polypeptide(L)'
_entity_poly.pdbx_seq_one_letter_code
;GSMSEQSICQARAAVMVYDDANKKWVPAGGSTGFSRVHIYHHTGNNTFRVVGRKIQDHQVVINCAIPKGLKYNQATQTFH
QWRDARQVYGLNFGSKEDANVFASAMMHALEVL
;
_entity_poly.pdbx_strand_id   A,B
#
# COMPACT_ATOMS: atom_id res chain seq x y z
N GLY A 1 37.46 -11.05 -3.85
N GLY A 1 37.29 -9.67 -1.92
CA GLY A 1 37.06 -9.65 -3.56
CA GLY A 1 37.03 -9.66 -3.38
C GLY A 1 35.60 -9.42 -3.93
C GLY A 1 35.56 -9.40 -3.72
N SER A 2 35.27 -8.15 -4.12
CA SER A 2 33.90 -7.78 -4.42
C SER A 2 33.39 -8.44 -5.67
N MET A 3 34.26 -8.61 -6.67
CA MET A 3 33.76 -9.05 -7.96
C MET A 3 33.25 -10.49 -7.95
N SER A 4 33.63 -11.26 -6.93
CA SER A 4 33.14 -12.62 -6.80
C SER A 4 31.73 -12.71 -6.23
N GLU A 5 31.17 -11.58 -5.80
CA GLU A 5 29.76 -11.49 -5.42
C GLU A 5 29.01 -10.80 -6.56
N GLN A 6 28.00 -11.48 -7.11
CA GLN A 6 27.34 -11.03 -8.33
C GLN A 6 25.85 -10.92 -8.09
N SER A 7 25.21 -9.92 -8.68
CA SER A 7 23.77 -9.85 -8.68
C SER A 7 23.22 -10.84 -9.70
N ILE A 8 22.26 -11.65 -9.29
CA ILE A 8 21.64 -12.62 -10.17
C ILE A 8 20.17 -12.34 -10.43
N CYS A 9 19.62 -11.30 -9.80
CA CYS A 9 18.26 -10.83 -10.08
C CYS A 9 18.11 -9.46 -9.44
N GLN A 10 17.35 -8.60 -10.10
N GLN A 10 17.33 -8.61 -10.12
CA GLN A 10 16.87 -7.42 -9.41
CA GLN A 10 16.94 -7.31 -9.62
C GLN A 10 15.43 -7.15 -9.80
C GLN A 10 15.44 -7.10 -9.87
N ALA A 11 14.76 -6.44 -8.91
CA ALA A 11 13.35 -6.12 -9.08
C ALA A 11 13.04 -4.86 -8.28
N ARG A 12 11.91 -4.25 -8.59
CA ARG A 12 11.42 -3.08 -7.88
C ARG A 12 10.33 -3.53 -6.92
N ALA A 13 10.51 -3.20 -5.64
CA ALA A 13 9.55 -3.57 -4.62
C ALA A 13 9.69 -2.62 -3.44
N ALA A 14 8.58 -2.43 -2.73
CA ALA A 14 8.60 -1.73 -1.46
C ALA A 14 8.85 -2.76 -0.37
N VAL A 15 9.88 -2.51 0.45
CA VAL A 15 10.33 -3.46 1.45
C VAL A 15 9.70 -3.09 2.78
N MET A 16 9.11 -4.08 3.42
CA MET A 16 8.39 -3.90 4.68
C MET A 16 8.88 -4.92 5.68
N VAL A 17 8.69 -4.60 6.97
CA VAL A 17 8.95 -5.53 8.06
C VAL A 17 7.70 -5.60 8.91
N TYR A 18 7.50 -6.71 9.57
CA TYR A 18 6.33 -6.86 10.43
C TYR A 18 6.71 -6.43 11.85
N ASP A 19 5.98 -5.47 12.39
CA ASP A 19 6.16 -5.01 13.77
C ASP A 19 5.46 -6.03 14.66
N ASP A 20 6.23 -6.91 15.28
CA ASP A 20 5.62 -7.99 16.05
C ASP A 20 4.87 -7.50 17.27
N ALA A 21 5.23 -6.34 17.79
CA ALA A 21 4.56 -5.83 18.98
C ALA A 21 3.21 -5.22 18.61
N ASN A 22 3.15 -4.35 17.62
CA ASN A 22 1.92 -3.68 17.24
C ASN A 22 1.13 -4.43 16.17
N LYS A 23 1.67 -5.51 15.63
CA LYS A 23 0.95 -6.36 14.68
C LYS A 23 0.56 -5.60 13.40
N LYS A 24 1.54 -4.95 12.79
CA LYS A 24 1.33 -4.14 11.58
C LYS A 24 2.60 -4.21 10.74
N TRP A 25 2.43 -4.14 9.42
CA TRP A 25 3.56 -3.94 8.53
C TRP A 25 4.02 -2.48 8.58
N VAL A 26 5.34 -2.31 8.60
CA VAL A 26 5.94 -0.99 8.62
C VAL A 26 7.03 -0.94 7.55
N PRO A 27 7.34 0.23 7.02
CA PRO A 27 8.40 0.30 6.00
C PRO A 27 9.77 -0.06 6.57
N ALA A 28 10.50 -0.89 5.84
CA ALA A 28 11.88 -1.15 6.22
C ALA A 28 12.67 0.14 6.12
N GLY A 29 13.42 0.46 7.17
CA GLY A 29 14.20 1.68 7.21
C GLY A 29 13.44 2.95 7.55
N GLY A 30 12.14 2.86 7.76
CA GLY A 30 11.37 3.95 8.31
C GLY A 30 10.47 4.72 7.36
N SER A 31 10.66 4.61 6.04
CA SER A 31 9.93 5.44 5.08
CA SER A 31 9.91 5.43 5.10
CA SER A 31 9.92 5.43 5.09
C SER A 31 9.38 4.57 3.96
N THR A 32 8.08 4.67 3.70
CA THR A 32 7.42 3.87 2.66
C THR A 32 7.84 4.34 1.27
N GLY A 33 8.24 3.40 0.42
CA GLY A 33 8.57 3.74 -0.95
C GLY A 33 9.27 2.57 -1.61
N PHE A 34 9.46 2.69 -2.92
CA PHE A 34 10.05 1.60 -3.68
C PHE A 34 11.56 1.56 -3.64
N SER A 35 12.06 0.34 -3.57
CA SER A 35 13.48 0.02 -3.58
C SER A 35 13.83 -0.83 -4.80
N ARG A 36 15.11 -0.81 -5.12
CA ARG A 36 15.73 -1.72 -6.06
C ARG A 36 16.31 -2.85 -5.24
N VAL A 37 15.76 -4.04 -5.42
CA VAL A 37 16.09 -5.20 -4.60
C VAL A 37 16.84 -6.22 -5.45
N HIS A 38 18.01 -6.62 -4.98
CA HIS A 38 18.85 -7.61 -5.62
C HIS A 38 18.91 -8.89 -4.81
N ILE A 39 19.12 -10.00 -5.52
CA ILE A 39 19.63 -11.23 -4.94
C ILE A 39 21.09 -11.32 -5.37
N TYR A 40 22.00 -11.31 -4.40
CA TYR A 40 23.43 -11.41 -4.64
C TYR A 40 23.92 -12.80 -4.30
N HIS A 41 24.79 -13.34 -5.16
CA HIS A 41 25.39 -14.65 -5.01
C HIS A 41 26.88 -14.50 -4.76
N HIS A 42 27.33 -14.94 -3.59
CA HIS A 42 28.75 -14.99 -3.24
C HIS A 42 29.25 -16.32 -3.78
N THR A 43 29.96 -16.26 -4.91
CA THR A 43 30.33 -17.48 -5.62
C THR A 43 31.40 -18.29 -4.87
N GLY A 44 32.18 -17.66 -3.98
CA GLY A 44 33.26 -18.37 -3.31
C GLY A 44 32.79 -19.33 -2.25
N ASN A 45 31.76 -18.94 -1.48
CA ASN A 45 31.23 -19.81 -0.44
C ASN A 45 29.82 -20.25 -0.75
N ASN A 46 29.37 -20.00 -1.98
CA ASN A 46 28.01 -20.32 -2.45
C ASN A 46 26.94 -19.91 -1.42
N THR A 47 26.89 -18.63 -1.12
CA THR A 47 25.84 -18.09 -0.26
C THR A 47 25.09 -17.01 -1.03
N PHE A 48 23.90 -16.68 -0.54
CA PHE A 48 23.07 -15.67 -1.14
C PHE A 48 22.59 -14.69 -0.07
N ARG A 49 22.33 -13.45 -0.49
CA ARG A 49 21.68 -12.47 0.36
C ARG A 49 20.78 -11.59 -0.50
N VAL A 50 19.79 -10.97 0.14
CA VAL A 50 18.93 -9.98 -0.47
C VAL A 50 19.34 -8.62 0.05
N VAL A 51 19.58 -7.69 -0.86
CA VAL A 51 19.94 -6.32 -0.50
C VAL A 51 19.05 -5.40 -1.29
N GLY A 52 18.43 -4.45 -0.60
CA GLY A 52 17.54 -3.49 -1.24
C GLY A 52 17.88 -2.09 -0.82
N ARG A 53 17.80 -1.17 -1.78
CA ARG A 53 18.09 0.23 -1.55
C ARG A 53 16.98 1.08 -2.15
N LYS A 54 16.54 2.07 -1.39
N LYS A 54 16.54 2.07 -1.38
CA LYS A 54 15.46 2.93 -1.85
CA LYS A 54 15.50 2.95 -1.88
C LYS A 54 15.89 3.61 -3.15
C LYS A 54 15.94 3.55 -3.21
N ILE A 55 14.99 3.65 -4.13
CA ILE A 55 15.36 4.20 -5.44
C ILE A 55 15.66 5.69 -5.34
N GLN A 56 14.93 6.41 -4.49
CA GLN A 56 15.08 7.85 -4.48
C GLN A 56 16.37 8.31 -3.81
N ASP A 57 16.89 7.56 -2.84
N ASP A 57 16.85 7.59 -2.77
CA ASP A 57 17.99 8.09 -2.06
CA ASP A 57 17.95 8.06 -1.94
C ASP A 57 19.01 7.03 -1.64
C ASP A 57 19.03 7.04 -1.65
N HIS A 58 18.92 5.81 -2.18
CA HIS A 58 19.86 4.72 -1.95
C HIS A 58 19.93 4.26 -0.50
N GLN A 59 18.99 4.63 0.37
CA GLN A 59 19.06 4.09 1.72
C GLN A 59 19.01 2.57 1.65
N VAL A 60 19.90 1.90 2.38
CA VAL A 60 19.87 0.45 2.47
C VAL A 60 18.78 0.07 3.46
N VAL A 61 17.74 -0.60 2.98
CA VAL A 61 16.60 -0.94 3.82
C VAL A 61 16.51 -2.42 4.13
N ILE A 62 17.27 -3.26 3.45
CA ILE A 62 17.33 -4.68 3.76
C ILE A 62 18.70 -5.19 3.32
N ASN A 63 19.29 -6.04 4.16
CA ASN A 63 20.57 -6.70 3.86
CA ASN A 63 20.58 -6.69 3.88
C ASN A 63 20.51 -8.01 4.65
N CYS A 64 19.90 -9.00 4.08
N CYS A 64 19.91 -9.03 4.00
CA CYS A 64 19.71 -10.17 4.89
CA CYS A 64 19.36 -10.23 4.67
C CYS A 64 20.14 -11.38 4.11
C CYS A 64 19.94 -11.50 4.06
N ALA A 65 20.70 -12.28 4.86
CA ALA A 65 21.16 -13.56 4.37
C ALA A 65 19.98 -14.43 3.98
N ILE A 66 20.19 -15.29 3.00
N ILE A 66 20.16 -15.21 2.93
CA ILE A 66 19.19 -16.27 2.57
CA ILE A 66 19.24 -16.28 2.54
C ILE A 66 19.78 -17.64 2.91
C ILE A 66 19.91 -17.58 2.98
N PRO A 67 19.54 -18.16 4.11
CA PRO A 67 20.14 -19.42 4.51
C PRO A 67 19.53 -20.59 3.77
N LYS A 68 20.30 -21.67 3.69
CA LYS A 68 19.78 -22.92 3.19
C LYS A 68 18.53 -23.29 3.96
N GLY A 69 17.49 -23.69 3.21
CA GLY A 69 16.24 -24.07 3.80
C GLY A 69 15.23 -22.95 3.97
N LEU A 70 15.57 -21.71 3.64
N LEU A 70 15.57 -21.71 3.64
CA LEU A 70 14.64 -20.62 3.83
CA LEU A 70 14.63 -20.61 3.82
C LEU A 70 13.33 -20.92 3.08
C LEU A 70 13.33 -20.90 3.08
N LYS A 71 12.20 -20.66 3.76
CA LYS A 71 10.88 -20.78 3.17
C LYS A 71 10.49 -19.40 2.61
N TYR A 72 10.37 -19.32 1.31
CA TYR A 72 9.94 -18.10 0.64
C TYR A 72 8.47 -18.23 0.32
N ASN A 73 7.64 -17.35 0.88
CA ASN A 73 6.21 -17.47 0.79
C ASN A 73 5.61 -16.43 -0.16
N GLN A 74 4.92 -16.91 -1.18
CA GLN A 74 4.20 -16.05 -2.10
C GLN A 74 2.80 -15.92 -1.53
N ALA A 75 2.56 -14.85 -0.79
CA ALA A 75 1.28 -14.67 -0.10
C ALA A 75 0.19 -14.27 -1.07
N THR A 76 0.50 -13.34 -1.99
CA THR A 76 -0.40 -12.91 -3.05
C THR A 76 0.42 -12.85 -4.34
N GLN A 77 -0.21 -12.44 -5.44
CA GLN A 77 0.55 -12.34 -6.69
C GLN A 77 1.56 -11.20 -6.69
N THR A 78 1.49 -10.26 -5.77
CA THR A 78 2.47 -9.21 -5.72
C THR A 78 3.11 -8.99 -4.36
N PHE A 79 2.73 -9.74 -3.33
CA PHE A 79 3.31 -9.58 -1.99
C PHE A 79 3.90 -10.91 -1.56
N HIS A 80 5.23 -10.94 -1.39
CA HIS A 80 5.94 -12.14 -0.96
C HIS A 80 6.66 -11.84 0.34
N GLN A 81 7.05 -12.88 1.08
CA GLN A 81 7.54 -12.68 2.44
C GLN A 81 8.41 -13.85 2.86
N TRP A 82 9.29 -13.60 3.83
CA TRP A 82 10.06 -14.67 4.43
C TRP A 82 10.47 -14.28 5.84
N ARG A 83 10.92 -15.28 6.60
CA ARG A 83 11.33 -15.09 7.98
C ARG A 83 12.83 -14.89 8.12
N ASP A 84 13.21 -13.92 8.93
CA ASP A 84 14.53 -13.77 9.49
C ASP A 84 14.37 -13.85 11.01
N ALA A 85 15.43 -14.26 11.71
CA ALA A 85 15.39 -14.37 13.15
C ALA A 85 14.90 -13.08 13.81
N ARG A 86 15.28 -11.93 13.25
CA ARG A 86 14.97 -10.64 13.87
C ARG A 86 13.63 -10.05 13.44
N GLN A 87 13.15 -10.40 12.25
CA GLN A 87 11.89 -9.86 11.77
C GLN A 87 11.48 -10.61 10.51
N VAL A 88 10.18 -10.55 10.21
CA VAL A 88 9.65 -11.00 8.94
C VAL A 88 9.77 -9.87 7.93
N TYR A 89 10.27 -10.19 6.74
CA TYR A 89 10.36 -9.27 5.62
C TYR A 89 9.22 -9.52 4.63
N GLY A 90 8.73 -8.43 4.07
CA GLY A 90 7.77 -8.49 3.00
C GLY A 90 8.24 -7.62 1.85
N LEU A 91 7.94 -8.06 0.63
CA LEU A 91 8.21 -7.31 -0.60
C LEU A 91 6.88 -7.12 -1.31
N ASN A 92 6.49 -5.86 -1.48
CA ASN A 92 5.33 -5.47 -2.27
C ASN A 92 5.87 -5.05 -3.63
N PHE A 93 5.79 -5.94 -4.59
CA PHE A 93 6.42 -5.71 -5.87
C PHE A 93 5.64 -4.71 -6.69
N GLY A 94 6.39 -3.97 -7.52
CA GLY A 94 5.80 -2.97 -8.38
C GLY A 94 4.98 -3.52 -9.53
N SER A 95 5.10 -4.81 -9.83
CA SER A 95 4.35 -5.45 -10.90
C SER A 95 4.36 -6.96 -10.67
N LYS A 96 3.41 -7.64 -11.32
CA LYS A 96 3.40 -9.10 -11.27
C LYS A 96 4.67 -9.68 -11.88
N GLU A 97 5.17 -9.08 -12.96
CA GLU A 97 6.39 -9.59 -13.58
C GLU A 97 7.56 -9.51 -12.63
N ASP A 98 7.72 -8.36 -11.95
CA ASP A 98 8.79 -8.21 -10.94
C ASP A 98 8.67 -9.34 -9.91
N ALA A 99 7.45 -9.56 -9.41
CA ALA A 99 7.26 -10.58 -8.37
C ALA A 99 7.62 -11.96 -8.87
N ASN A 100 7.16 -12.32 -10.06
CA ASN A 100 7.36 -13.68 -10.55
C ASN A 100 8.81 -13.95 -10.91
N VAL A 101 9.47 -12.97 -11.50
CA VAL A 101 10.86 -13.14 -11.87
C VAL A 101 11.74 -13.24 -10.62
N PHE A 102 11.47 -12.40 -9.62
CA PHE A 102 12.21 -12.46 -8.37
C PHE A 102 11.98 -13.79 -7.67
N ALA A 103 10.72 -14.23 -7.59
CA ALA A 103 10.43 -15.50 -6.94
C ALA A 103 11.13 -16.66 -7.63
N SER A 104 11.16 -16.63 -8.97
N SER A 104 11.14 -16.67 -8.98
CA SER A 104 11.79 -17.72 -9.70
CA SER A 104 11.82 -17.76 -9.66
C SER A 104 13.30 -17.76 -9.45
C SER A 104 13.30 -17.76 -9.34
N ALA A 105 13.92 -16.58 -9.33
CA ALA A 105 15.34 -16.52 -9.03
C ALA A 105 15.60 -16.97 -7.60
N MET A 106 14.73 -16.60 -6.67
N MET A 106 14.72 -16.60 -6.67
CA MET A 106 14.86 -17.06 -5.30
CA MET A 106 14.84 -17.05 -5.27
C MET A 106 14.74 -18.58 -5.21
C MET A 106 14.72 -18.57 -5.18
N MET A 107 13.76 -19.16 -5.89
CA MET A 107 13.62 -20.61 -5.83
CA MET A 107 13.62 -20.62 -5.82
C MET A 107 14.82 -21.31 -6.45
N HIS A 108 15.39 -20.74 -7.51
CA HIS A 108 16.60 -21.32 -8.09
C HIS A 108 17.78 -21.24 -7.11
N ALA A 109 17.92 -20.09 -6.43
CA ALA A 109 18.98 -19.96 -5.43
C ALA A 109 18.81 -21.00 -4.32
N LEU A 110 17.57 -21.17 -3.84
CA LEU A 110 17.34 -22.10 -2.75
C LEU A 110 17.71 -23.53 -3.15
N GLU A 111 17.55 -23.87 -4.42
CA GLU A 111 17.84 -25.21 -4.89
C GLU A 111 19.32 -25.43 -5.16
N VAL A 112 20.18 -24.38 -5.16
CA VAL A 112 21.62 -24.59 -5.32
C VAL A 112 22.41 -24.35 -4.04
N LEU A 113 21.78 -23.87 -2.98
CA LEU A 113 22.42 -23.74 -1.69
C LEU A 113 22.80 -25.09 -1.10
N GLY B 1 8.32 9.48 -2.87
CA GLY B 1 7.94 10.93 -2.80
C GLY B 1 6.44 11.10 -2.99
N SER B 2 6.00 12.35 -3.10
CA SER B 2 4.58 12.62 -3.30
C SER B 2 3.99 11.83 -4.46
N MET B 3 4.79 11.57 -5.51
CA MET B 3 4.30 11.03 -6.78
C MET B 3 3.98 9.54 -6.76
N SER B 4 4.45 8.79 -5.74
CA SER B 4 4.09 7.40 -5.63
C SER B 4 2.67 7.24 -5.10
N GLU B 5 2.02 8.34 -4.68
CA GLU B 5 0.60 8.35 -4.36
C GLU B 5 -0.15 8.95 -5.54
N GLN B 6 -1.16 8.22 -6.04
CA GLN B 6 -1.83 8.58 -7.30
C GLN B 6 -3.33 8.57 -7.07
N SER B 7 -4.01 9.52 -7.69
CA SER B 7 -5.47 9.52 -7.67
C SER B 7 -5.97 8.48 -8.66
N ILE B 8 -6.91 7.65 -8.22
CA ILE B 8 -7.49 6.64 -9.07
C ILE B 8 -8.96 6.88 -9.34
N CYS B 9 -9.53 7.94 -8.77
CA CYS B 9 -10.91 8.30 -9.04
C CYS B 9 -11.17 9.67 -8.45
N GLN B 10 -12.02 10.44 -9.11
CA GLN B 10 -12.53 11.68 -8.54
C GLN B 10 -14.01 11.83 -8.88
N ALA B 11 -14.71 12.51 -8.00
CA ALA B 11 -16.14 12.71 -8.15
C ALA B 11 -16.56 13.96 -7.39
N ARG B 12 -17.77 14.42 -7.68
N ARG B 12 -17.77 14.42 -7.67
CA ARG B 12 -18.36 15.58 -7.04
CA ARG B 12 -18.33 15.61 -7.03
C ARG B 12 -19.41 15.12 -6.01
C ARG B 12 -19.41 15.18 -6.03
N ALA B 13 -19.25 15.56 -4.76
CA ALA B 13 -20.17 15.15 -3.71
C ALA B 13 -20.11 16.14 -2.57
N ALA B 14 -21.24 16.34 -1.89
CA ALA B 14 -21.26 17.05 -0.62
C ALA B 14 -20.92 16.05 0.48
N VAL B 15 -19.88 16.38 1.26
CA VAL B 15 -19.36 15.46 2.27
C VAL B 15 -19.99 15.82 3.61
N MET B 16 -20.51 14.80 4.29
N MET B 16 -20.55 14.80 4.27
CA MET B 16 -21.24 14.96 5.53
CA MET B 16 -21.23 14.97 5.54
C MET B 16 -20.74 13.94 6.55
C MET B 16 -20.67 13.99 6.55
N VAL B 17 -20.96 14.26 7.83
CA VAL B 17 -20.73 13.29 8.90
C VAL B 17 -22.00 13.23 9.75
N TYR B 18 -22.26 12.07 10.34
CA TYR B 18 -23.43 11.91 11.19
C TYR B 18 -23.05 12.29 12.61
N ASP B 19 -23.70 13.32 13.12
CA ASP B 19 -23.46 13.80 14.50
C ASP B 19 -24.20 12.86 15.44
N ASP B 20 -23.45 11.92 16.05
CA ASP B 20 -24.05 10.89 16.88
C ASP B 20 -24.91 11.49 17.99
N ALA B 21 -24.44 12.57 18.59
CA ALA B 21 -25.13 13.13 19.74
C ALA B 21 -26.45 13.78 19.34
N ASN B 22 -26.50 14.45 18.20
CA ASN B 22 -27.72 15.15 17.76
C ASN B 22 -28.53 14.36 16.74
N LYS B 23 -28.09 13.16 16.37
CA LYS B 23 -28.82 12.28 15.46
C LYS B 23 -29.19 12.98 14.15
N LYS B 24 -28.21 13.66 13.56
CA LYS B 24 -28.44 14.25 12.25
C LYS B 24 -27.13 14.44 11.50
N TRP B 25 -27.28 14.55 10.18
CA TRP B 25 -26.14 14.79 9.30
C TRP B 25 -25.73 16.26 9.36
N VAL B 26 -24.42 16.47 9.38
CA VAL B 26 -23.84 17.80 9.38
C VAL B 26 -22.75 17.88 8.31
N PRO B 27 -22.47 19.06 7.78
CA PRO B 27 -21.42 19.17 6.76
C PRO B 27 -20.04 18.92 7.33
N ALA B 28 -19.26 18.13 6.60
CA ALA B 28 -17.85 17.96 6.96
C ALA B 28 -17.13 19.29 6.77
N GLY B 29 -16.34 19.69 7.77
CA GLY B 29 -15.61 20.95 7.69
C GLY B 29 -16.41 22.18 8.03
N GLY B 30 -17.69 22.06 8.34
CA GLY B 30 -18.47 23.15 8.90
C GLY B 30 -19.50 23.80 8.00
N SER B 31 -19.43 23.65 6.68
CA SER B 31 -20.37 24.33 5.81
C SER B 31 -20.81 23.43 4.64
N THR B 32 -22.10 23.52 4.32
CA THR B 32 -22.68 22.67 3.29
C THR B 32 -22.25 23.12 1.90
N GLY B 33 -21.84 22.16 1.08
CA GLY B 33 -21.55 22.46 -0.31
C GLY B 33 -20.79 21.32 -0.95
N PHE B 34 -20.70 21.38 -2.28
CA PHE B 34 -20.04 20.31 -3.02
C PHE B 34 -18.52 20.39 -2.93
N SER B 35 -17.91 19.21 -2.84
CA SER B 35 -16.49 19.00 -2.83
C SER B 35 -16.07 18.15 -4.03
N ARG B 36 -14.80 18.28 -4.38
CA ARG B 36 -14.12 17.38 -5.31
C ARG B 36 -13.43 16.34 -4.46
N VAL B 37 -13.87 15.09 -4.60
CA VAL B 37 -13.47 14.00 -3.72
C VAL B 37 -12.66 13.01 -4.55
N HIS B 38 -11.44 12.73 -4.08
CA HIS B 38 -10.53 11.77 -4.70
C HIS B 38 -10.40 10.52 -3.83
N ILE B 39 -10.09 9.41 -4.50
CA ILE B 39 -9.52 8.25 -3.84
C ILE B 39 -8.07 8.16 -4.30
N TYR B 40 -7.15 8.19 -3.35
CA TYR B 40 -5.72 8.12 -3.63
C TYR B 40 -5.18 6.76 -3.21
N HIS B 41 -4.31 6.21 -4.06
CA HIS B 41 -3.65 4.93 -3.85
C HIS B 41 -2.17 5.18 -3.64
N HIS B 42 -1.66 4.71 -2.51
CA HIS B 42 -0.23 4.66 -2.23
C HIS B 42 0.24 3.29 -2.71
N THR B 43 0.91 3.28 -3.84
CA THR B 43 1.28 2.01 -4.46
C THR B 43 2.35 1.26 -3.69
N GLY B 44 3.13 1.93 -2.85
CA GLY B 44 4.20 1.23 -2.15
C GLY B 44 3.67 0.27 -1.11
N ASN B 45 2.70 0.72 -0.31
CA ASN B 45 2.18 -0.11 0.77
C ASN B 45 0.77 -0.58 0.51
N ASN B 46 0.25 -0.30 -0.69
CA ASN B 46 -1.10 -0.72 -1.08
C ASN B 46 -2.16 -0.20 -0.12
N THR B 47 -2.04 1.07 0.27
CA THR B 47 -3.05 1.75 1.07
C THR B 47 -3.79 2.76 0.23
N PHE B 48 -4.97 3.14 0.73
CA PHE B 48 -5.86 4.03 0.03
C PHE B 48 -6.48 5.01 1.02
N ARG B 49 -6.77 6.22 0.56
CA ARG B 49 -7.47 7.22 1.39
C ARG B 49 -8.44 8.01 0.52
N VAL B 50 -9.45 8.57 1.18
CA VAL B 50 -10.38 9.52 0.57
C VAL B 50 -9.95 10.91 1.01
N VAL B 51 -9.81 11.82 0.06
CA VAL B 51 -9.52 13.22 0.37
C VAL B 51 -10.47 14.06 -0.45
N GLY B 52 -11.18 14.97 0.20
CA GLY B 52 -12.11 15.85 -0.49
C GLY B 52 -11.86 17.29 -0.11
N ARG B 53 -12.06 18.18 -1.08
CA ARG B 53 -11.88 19.61 -0.89
C ARG B 53 -13.04 20.37 -1.49
N LYS B 54 -13.54 21.35 -0.74
N LYS B 54 -13.57 21.33 -0.72
CA LYS B 54 -14.69 22.12 -1.18
CA LYS B 54 -14.68 22.13 -1.22
C LYS B 54 -14.36 22.82 -2.50
C LYS B 54 -14.32 22.74 -2.56
N ILE B 55 -15.29 22.74 -3.47
CA ILE B 55 -15.01 23.32 -4.78
C ILE B 55 -14.88 24.83 -4.69
N GLN B 56 -15.69 25.46 -3.83
CA GLN B 56 -15.68 26.93 -3.85
C GLN B 56 -14.38 27.52 -3.31
N ASP B 57 -13.72 26.86 -2.37
CA ASP B 57 -12.57 27.47 -1.71
C ASP B 57 -11.43 26.50 -1.41
N HIS B 58 -11.54 25.23 -1.78
CA HIS B 58 -10.49 24.22 -1.58
C HIS B 58 -10.21 23.87 -0.12
N GLN B 59 -11.11 24.18 0.81
CA GLN B 59 -10.98 23.67 2.15
C GLN B 59 -10.94 22.14 2.14
N VAL B 60 -10.02 21.55 2.87
CA VAL B 60 -10.02 20.09 3.04
C VAL B 60 -11.12 19.72 4.03
N VAL B 61 -12.05 18.87 3.61
CA VAL B 61 -13.18 18.50 4.44
C VAL B 61 -13.19 17.03 4.82
N ILE B 62 -12.38 16.18 4.18
CA ILE B 62 -12.27 14.78 4.53
C ILE B 62 -10.88 14.34 4.12
N ASN B 63 -10.24 13.54 4.98
CA ASN B 63 -8.90 13.05 4.70
C ASN B 63 -8.75 11.80 5.59
N CYS B 64 -9.20 10.66 5.06
CA CYS B 64 -9.36 9.47 5.89
C CYS B 64 -8.90 8.21 5.16
N ALA B 65 -8.30 7.32 5.89
CA ALA B 65 -7.90 6.04 5.34
C ALA B 65 -9.12 5.20 4.96
N ILE B 66 -8.93 4.30 4.00
CA ILE B 66 -9.92 3.29 3.60
C ILE B 66 -9.36 1.96 4.09
N PRO B 67 -9.79 1.45 5.25
CA PRO B 67 -9.22 0.22 5.77
C PRO B 67 -9.62 -0.99 4.94
N LYS B 68 -8.78 -2.00 4.98
CA LYS B 68 -9.07 -3.24 4.28
C LYS B 68 -10.35 -3.87 4.86
N GLY B 69 -11.31 -4.18 4.00
CA GLY B 69 -12.57 -4.76 4.44
C GLY B 69 -13.63 -3.77 4.84
N LEU B 70 -13.39 -2.47 4.66
CA LEU B 70 -14.41 -1.47 4.92
C LEU B 70 -15.74 -1.89 4.30
N LYS B 71 -16.84 -1.74 5.07
CA LYS B 71 -18.19 -1.88 4.53
C LYS B 71 -18.66 -0.55 3.97
N TYR B 72 -18.89 -0.49 2.67
CA TYR B 72 -19.32 0.71 1.99
C TYR B 72 -20.78 0.55 1.55
N ASN B 73 -21.66 1.39 2.07
CA ASN B 73 -23.08 1.24 1.87
C ASN B 73 -23.62 2.24 0.86
N GLN B 74 -24.29 1.71 -0.16
CA GLN B 74 -24.99 2.54 -1.15
C GLN B 74 -26.42 2.64 -0.62
N ALA B 75 -26.69 3.72 0.10
CA ALA B 75 -28.00 3.86 0.74
C ALA B 75 -29.08 4.20 -0.27
N THR B 76 -28.78 5.12 -1.19
CA THR B 76 -29.62 5.47 -2.31
C THR B 76 -28.75 5.55 -3.56
N GLN B 77 -29.34 5.86 -4.71
CA GLN B 77 -28.53 5.99 -5.93
C GLN B 77 -27.61 7.20 -5.91
N THR B 78 -27.78 8.13 -4.98
CA THR B 78 -26.85 9.24 -4.88
C THR B 78 -26.27 9.50 -3.49
N PHE B 79 -26.63 8.73 -2.46
CA PHE B 79 -26.10 8.94 -1.13
C PHE B 79 -25.45 7.64 -0.66
N HIS B 80 -24.15 7.67 -0.43
CA HIS B 80 -23.39 6.52 0.05
C HIS B 80 -22.73 6.88 1.38
N GLN B 81 -22.33 5.86 2.14
CA GLN B 81 -21.87 6.08 3.51
C GLN B 81 -20.97 4.93 3.95
N TRP B 82 -20.11 5.21 4.93
CA TRP B 82 -19.28 4.17 5.53
C TRP B 82 -18.94 4.59 6.95
N ARG B 83 -18.52 3.61 7.74
N ARG B 83 -18.40 3.65 7.71
CA ARG B 83 -18.17 3.81 9.15
CA ARG B 83 -18.10 3.87 9.12
C ARG B 83 -16.67 3.99 9.30
C ARG B 83 -16.63 4.08 9.38
N ASP B 84 -16.30 4.90 10.19
N ASP B 84 -16.35 5.04 10.25
CA ASP B 84 -15.07 4.79 10.93
CA ASP B 84 -15.09 5.18 10.94
C ASP B 84 -15.42 4.89 12.41
C ASP B 84 -15.39 5.10 12.43
N ALA B 85 -14.42 4.70 13.26
CA ALA B 85 -14.68 4.69 14.70
C ALA B 85 -15.24 6.02 15.18
N ARG B 86 -14.71 7.11 14.63
CA ARG B 86 -15.05 8.44 15.10
C ARG B 86 -16.44 8.88 14.63
N GLN B 87 -16.86 8.42 13.47
N GLN B 87 -16.80 8.59 13.39
CA GLN B 87 -18.13 8.87 12.91
CA GLN B 87 -18.10 9.02 12.88
C GLN B 87 -18.44 8.05 11.68
C GLN B 87 -18.38 8.30 11.58
N VAL B 88 -19.66 8.23 11.23
CA VAL B 88 -20.11 7.78 9.92
C VAL B 88 -19.96 8.93 8.94
N TYR B 89 -19.35 8.64 7.78
CA TYR B 89 -19.24 9.56 6.67
C TYR B 89 -20.37 9.31 5.68
N GLY B 90 -20.81 10.40 5.06
CA GLY B 90 -21.78 10.32 3.99
C GLY B 90 -21.33 11.18 2.82
N LEU B 91 -21.65 10.72 1.62
CA LEU B 91 -21.37 11.47 0.40
C LEU B 91 -22.70 11.61 -0.36
N ASN B 92 -23.13 12.86 -0.56
CA ASN B 92 -24.30 13.17 -1.37
C ASN B 92 -23.77 13.59 -2.73
N PHE B 93 -23.74 12.63 -3.65
CA PHE B 93 -23.12 12.83 -4.94
C PHE B 93 -23.95 13.77 -5.82
N GLY B 94 -23.24 14.49 -6.69
CA GLY B 94 -23.90 15.43 -7.60
C GLY B 94 -24.68 14.76 -8.72
N SER B 95 -24.40 13.49 -9.01
CA SER B 95 -25.10 12.75 -10.07
C SER B 95 -24.97 11.27 -9.74
N LYS B 96 -25.85 10.49 -10.36
CA LYS B 96 -25.75 9.03 -10.22
C LYS B 96 -24.43 8.52 -10.79
N GLU B 97 -23.96 9.11 -11.90
CA GLU B 97 -22.71 8.69 -12.50
C GLU B 97 -21.51 8.91 -11.55
N ASP B 98 -21.49 10.08 -10.89
CA ASP B 98 -20.48 10.36 -9.87
C ASP B 98 -20.51 9.26 -8.81
N ALA B 99 -21.71 8.94 -8.32
CA ALA B 99 -21.85 7.93 -7.26
C ALA B 99 -21.35 6.57 -7.72
N ASN B 100 -21.69 6.18 -8.94
CA ASN B 100 -21.38 4.84 -9.41
C ASN B 100 -19.89 4.68 -9.68
N VAL B 101 -19.25 5.68 -10.30
CA VAL B 101 -17.81 5.56 -10.58
C VAL B 101 -17.02 5.58 -9.28
N PHE B 102 -17.45 6.41 -8.31
CA PHE B 102 -16.77 6.46 -7.04
C PHE B 102 -16.93 5.15 -6.28
N ALA B 103 -18.16 4.61 -6.24
CA ALA B 103 -18.39 3.35 -5.53
C ALA B 103 -17.53 2.23 -6.10
N SER B 104 -17.40 2.14 -7.41
N SER B 104 -17.36 2.19 -7.41
CA SER B 104 -16.52 1.12 -8.00
CA SER B 104 -16.55 1.12 -8.01
C SER B 104 -15.11 1.23 -7.47
C SER B 104 -15.08 1.22 -7.59
N ALA B 105 -14.55 2.44 -7.51
CA ALA B 105 -13.17 2.62 -7.05
C ALA B 105 -13.04 2.33 -5.56
N MET B 106 -14.06 2.72 -4.80
N MET B 106 -14.06 2.71 -4.76
CA MET B 106 -14.06 2.40 -3.38
CA MET B 106 -14.03 2.37 -3.34
C MET B 106 -14.00 0.90 -3.15
C MET B 106 -14.01 0.88 -3.12
N MET B 107 -14.80 0.14 -3.89
CA MET B 107 -14.81 -1.32 -3.71
CA MET B 107 -14.82 -1.32 -3.73
C MET B 107 -13.45 -1.91 -4.04
N HIS B 108 -12.75 -1.38 -5.05
CA HIS B 108 -11.40 -1.83 -5.32
C HIS B 108 -10.47 -1.47 -4.18
N ALA B 109 -10.59 -0.24 -3.67
CA ALA B 109 -9.69 0.23 -2.62
C ALA B 109 -9.80 -0.62 -1.35
N LEU B 110 -11.02 -1.01 -0.98
CA LEU B 110 -11.24 -1.68 0.29
C LEU B 110 -11.00 -3.18 0.23
N GLU B 111 -10.74 -3.75 -0.94
CA GLU B 111 -10.60 -5.19 -1.08
C GLU B 111 -9.49 -5.73 -0.16
N VAL B 112 -9.83 -6.79 0.59
CA VAL B 112 -8.86 -7.49 1.42
C VAL B 112 -7.88 -8.17 0.49
N LEU B 113 -6.58 -8.01 0.75
CA LEU B 113 -5.58 -8.51 -0.18
C LEU B 113 -5.38 -10.01 -0.14
#